data_7O6K
#
_entry.id   7O6K
#
_cell.length_a   82.598
_cell.length_b   112.501
_cell.length_c   62.651
_cell.angle_alpha   90.000
_cell.angle_beta   90.000
_cell.angle_gamma   90.000
#
_symmetry.space_group_name_H-M   'C 2 2 21'
#
loop_
_entity.id
_entity.type
_entity.pdbx_description
1 polymer '14-3-3 protein sigma'
2 polymer 'Transcription factor p65'
3 non-polymer '(5-methanoyl-2-nitro-phenyl) 3-chloranylbenzoate'
4 non-polymer 'CHLORIDE ION'
5 non-polymer 'CALCIUM ION'
6 non-polymer GLYCEROL
7 water water
#
loop_
_entity_poly.entity_id
_entity_poly.type
_entity_poly.pdbx_seq_one_letter_code
_entity_poly.pdbx_strand_id
1 'polypeptide(L)'
;GAMGSMERASLIQKAKLAEQAERYEDMAAFMKGAVEKGEELS(CSO)EERNLLSVAYKNVVGGQRAAWRVLSSIEQKSNE
EGSEEKGPEVREYREKVETELQGVCDTVLGLLDSHLIKEAGDAESRVFYLKMKGDYYRYLAEVATGDDKKRIIDSARSAY
QEAMDISKKEMPPTNPIRLGLALNFSVFHYEIANSPEEAISLAKTTFDEAMADLHTLSEDSYKDSTLIMQLLRDNLTLWT
;
A
2 'polypeptide(L)' EGRSAG(SEP)IPGRRS P
#
loop_
_chem_comp.id
_chem_comp.type
_chem_comp.name
_chem_comp.formula
CA non-polymer 'CALCIUM ION' 'Ca 2'
CL non-polymer 'CHLORIDE ION' 'Cl -1'
GOL non-polymer GLYCEROL 'C3 H8 O3'
V4N non-polymer '(5-methanoyl-2-nitro-phenyl) 3-chloranylbenzoate' 'C14 H8 Cl N O5'
#
# COMPACT_ATOMS: atom_id res chain seq x y z
N ALA A 2 -2.92 0.29 23.89
CA ALA A 2 -3.33 1.58 24.42
C ALA A 2 -4.81 1.82 24.22
N MET A 3 -5.39 1.13 23.22
CA MET A 3 -6.81 1.20 22.95
C MET A 3 -7.57 0.03 23.55
N GLY A 4 -6.93 -0.72 24.43
CA GLY A 4 -7.50 -1.95 24.95
C GLY A 4 -8.79 -1.77 25.72
N SER A 5 -9.01 -0.60 26.30
CA SER A 5 -10.25 -0.38 27.05
C SER A 5 -11.40 0.12 26.21
N MET A 6 -11.20 0.43 24.94
CA MET A 6 -12.28 0.94 24.10
C MET A 6 -12.92 -0.18 23.30
N GLU A 7 -14.25 -0.14 23.21
CA GLU A 7 -14.98 -1.14 22.42
C GLU A 7 -14.53 -1.13 20.96
N ARG A 8 -14.50 -2.33 20.36
CA ARG A 8 -14.20 -2.44 18.94
C ARG A 8 -15.07 -1.50 18.11
N ALA A 9 -16.39 -1.48 18.37
CA ALA A 9 -17.26 -0.71 17.49
C ALA A 9 -16.99 0.79 17.66
N SER A 10 -16.62 1.21 18.87
CA SER A 10 -16.28 2.61 19.13
C SER A 10 -14.99 3.00 18.44
N LEU A 11 -14.00 2.10 18.40
CA LEU A 11 -12.77 2.37 17.66
C LEU A 11 -13.05 2.58 16.18
N ILE A 12 -13.91 1.73 15.60
N ILE A 12 -13.92 1.76 15.60
CA ILE A 12 -14.25 1.87 14.20
CA ILE A 12 -14.22 1.90 14.19
C ILE A 12 -14.99 3.17 13.94
C ILE A 12 -15.01 3.18 13.93
N GLN A 13 -15.96 3.51 14.81
CA GLN A 13 -16.68 4.78 14.68
C GLN A 13 -15.73 5.97 14.76
N LYS A 14 -14.79 5.93 15.72
CA LYS A 14 -13.84 7.03 15.86
C LYS A 14 -12.86 7.07 14.70
N ALA A 15 -12.49 5.93 14.12
CA ALA A 15 -11.65 5.97 12.92
C ALA A 15 -12.36 6.71 11.79
N LYS A 16 -13.67 6.49 11.63
CA LYS A 16 -14.41 7.19 10.58
C LYS A 16 -14.49 8.69 10.86
N LEU A 17 -14.66 9.06 12.13
CA LEU A 17 -14.66 10.48 12.49
C LEU A 17 -13.29 11.09 12.24
N ALA A 18 -12.23 10.37 12.61
CA ALA A 18 -10.88 10.88 12.39
C ALA A 18 -10.61 11.10 10.92
N GLU A 19 -11.11 10.21 10.04
CA GLU A 19 -10.95 10.44 8.61
C GLU A 19 -11.62 11.75 8.19
N GLN A 20 -12.86 11.99 8.66
CA GLN A 20 -13.56 13.22 8.31
C GLN A 20 -12.81 14.44 8.80
N ALA A 21 -12.15 14.35 9.95
CA ALA A 21 -11.41 15.45 10.54
C ALA A 21 -9.98 15.55 10.03
N GLU A 22 -9.60 14.67 9.11
CA GLU A 22 -8.25 14.60 8.56
C GLU A 22 -7.19 14.41 9.64
N ARG A 23 -7.53 13.59 10.63
CA ARG A 23 -6.65 13.26 11.74
C ARG A 23 -6.17 11.83 11.51
N TYR A 24 -5.22 11.67 10.60
CA TYR A 24 -4.88 10.33 10.16
C TYR A 24 -4.03 9.56 11.15
N GLU A 25 -3.20 10.23 11.94
CA GLU A 25 -2.50 9.53 13.01
C GLU A 25 -3.49 8.94 14.00
N ASP A 26 -4.49 9.73 14.41
CA ASP A 26 -5.54 9.18 15.27
C ASP A 26 -6.24 8.01 14.57
N MET A 27 -6.58 8.20 13.30
CA MET A 27 -7.31 7.16 12.58
C MET A 27 -6.52 5.85 12.61
N ALA A 28 -5.20 5.92 12.37
CA ALA A 28 -4.37 4.74 12.37
C ALA A 28 -4.31 4.10 13.76
N ALA A 29 -4.22 4.92 14.81
CA ALA A 29 -4.21 4.35 16.16
C ALA A 29 -5.53 3.66 16.49
N PHE A 30 -6.66 4.23 16.08
CA PHE A 30 -7.95 3.59 16.31
C PHE A 30 -8.03 2.27 15.56
N MET A 31 -7.59 2.24 14.29
CA MET A 31 -7.66 1.01 13.52
C MET A 31 -6.68 -0.03 14.02
N LYS A 32 -5.49 0.37 14.49
CA LYS A 32 -4.61 -0.58 15.16
C LYS A 32 -5.29 -1.21 16.37
N GLY A 33 -5.94 -0.37 17.20
CA GLY A 33 -6.69 -0.90 18.32
C GLY A 33 -7.76 -1.87 17.88
N ALA A 34 -8.48 -1.55 16.79
CA ALA A 34 -9.50 -2.47 16.29
C ALA A 34 -8.90 -3.80 15.85
N VAL A 35 -7.79 -3.77 15.11
CA VAL A 35 -7.16 -5.03 14.71
C VAL A 35 -6.78 -5.83 15.93
N GLU A 36 -6.23 -5.17 16.95
CA GLU A 36 -5.74 -5.88 18.13
C GLU A 36 -6.86 -6.48 18.98
N LYS A 37 -8.13 -6.19 18.68
CA LYS A 37 -9.21 -6.95 19.31
C LYS A 37 -9.20 -8.41 18.91
N GLY A 38 -8.57 -8.77 17.78
CA GLY A 38 -8.36 -10.14 17.42
C GLY A 38 -9.36 -10.71 16.43
N GLU A 39 -10.44 -9.99 16.14
CA GLU A 39 -11.41 -10.45 15.16
C GLU A 39 -10.97 -10.07 13.76
N GLU A 40 -11.41 -10.84 12.77
CA GLU A 40 -11.18 -10.50 11.38
C GLU A 40 -11.85 -9.17 11.05
N LEU A 41 -11.36 -8.52 9.99
CA LEU A 41 -11.88 -7.22 9.55
C LEU A 41 -12.81 -7.42 8.36
N SER A 42 -13.89 -6.68 8.35
CA SER A 42 -14.76 -6.64 7.19
C SER A 42 -14.11 -5.85 6.04
N CSO A 43 -14.74 -5.86 4.86
CA CSO A 43 -14.20 -5.13 3.74
CB CSO A 43 -15.15 -5.35 2.56
SG CSO A 43 -14.66 -4.49 1.07
C CSO A 43 -14.03 -3.64 4.07
O CSO A 43 -12.99 -3.04 3.81
OD CSO A 43 -15.32 -2.83 1.13
N GLU A 44 -15.05 -3.04 4.64
CA GLU A 44 -14.99 -1.62 4.97
C GLU A 44 -13.92 -1.35 6.02
N GLU A 45 -13.81 -2.23 7.01
CA GLU A 45 -12.77 -2.05 8.05
C GLU A 45 -11.36 -2.19 7.47
N ARG A 46 -11.15 -3.11 6.52
CA ARG A 46 -9.85 -3.22 5.86
C ARG A 46 -9.51 -1.93 5.15
N ASN A 47 -10.51 -1.33 4.49
CA ASN A 47 -10.27 -0.07 3.81
C ASN A 47 -9.92 1.03 4.80
N LEU A 48 -10.58 1.08 5.96
CA LEU A 48 -10.23 2.10 6.94
C LEU A 48 -8.80 1.94 7.42
N LEU A 49 -8.38 0.69 7.70
CA LEU A 49 -7.01 0.44 8.12
C LEU A 49 -6.02 0.94 7.06
N SER A 50 -6.30 0.61 5.79
CA SER A 50 -5.37 0.96 4.72
C SER A 50 -5.31 2.47 4.50
N VAL A 51 -6.46 3.13 4.49
CA VAL A 51 -6.46 4.59 4.28
C VAL A 51 -5.70 5.28 5.40
N ALA A 52 -5.87 4.85 6.63
CA ALA A 52 -5.23 5.51 7.77
C ALA A 52 -3.72 5.46 7.62
N TYR A 53 -3.18 4.26 7.43
CA TYR A 53 -1.73 4.10 7.35
C TYR A 53 -1.18 4.68 6.05
N LYS A 54 -1.95 4.67 4.96
CA LYS A 54 -1.43 5.24 3.72
C LYS A 54 -1.19 6.72 3.89
N ASN A 55 -2.11 7.41 4.58
CA ASN A 55 -1.94 8.83 4.84
C ASN A 55 -0.80 9.10 5.79
N VAL A 56 -0.65 8.30 6.86
CA VAL A 56 0.46 8.52 7.79
C VAL A 56 1.79 8.31 7.06
N VAL A 57 1.97 7.16 6.44
N VAL A 57 1.98 7.15 6.43
CA VAL A 57 3.25 6.92 5.79
CA VAL A 57 3.25 6.92 5.77
C VAL A 57 3.44 7.82 4.59
C VAL A 57 3.43 7.87 4.60
N GLY A 58 2.35 8.30 3.95
CA GLY A 58 2.51 9.20 2.82
C GLY A 58 3.11 10.53 3.23
N GLY A 59 2.70 11.05 4.38
CA GLY A 59 3.32 12.28 4.87
C GLY A 59 4.78 12.07 5.21
N GLN A 60 5.11 10.92 5.81
CA GLN A 60 6.49 10.63 6.15
C GLN A 60 7.34 10.48 4.91
N ARG A 61 6.84 9.80 3.89
CA ARG A 61 7.60 9.61 2.65
C ARG A 61 7.85 10.94 1.96
N ALA A 62 6.84 11.80 1.92
CA ALA A 62 7.02 13.12 1.32
C ALA A 62 8.09 13.92 2.06
N ALA A 63 8.07 13.88 3.40
CA ALA A 63 9.07 14.60 4.18
C ALA A 63 10.45 14.01 3.96
N TRP A 64 10.56 12.68 3.93
CA TRP A 64 11.84 12.02 3.70
C TRP A 64 12.42 12.42 2.36
N ARG A 65 11.57 12.52 1.34
CA ARG A 65 12.07 12.88 0.01
C ARG A 65 12.58 14.32 0.01
N VAL A 66 11.89 15.23 0.70
CA VAL A 66 12.36 16.61 0.77
C VAL A 66 13.72 16.68 1.45
N LEU A 67 13.85 16.00 2.58
CA LEU A 67 15.08 16.03 3.36
C LEU A 67 16.21 15.32 2.63
N SER A 68 15.91 14.20 1.96
N SER A 68 15.92 14.19 1.97
CA SER A 68 16.93 13.49 1.20
CA SER A 68 16.97 13.51 1.21
C SER A 68 17.46 14.35 0.06
C SER A 68 17.47 14.38 0.07
N SER A 69 16.58 15.13 -0.58
CA SER A 69 17.02 16.01 -1.66
C SER A 69 17.93 17.12 -1.13
N ILE A 70 17.60 17.68 0.03
CA ILE A 70 18.45 18.71 0.63
C ILE A 70 19.79 18.12 1.02
N GLU A 71 19.78 16.90 1.57
CA GLU A 71 21.01 16.24 1.99
C GLU A 71 21.91 15.97 0.79
N GLN A 72 21.33 15.48 -0.31
CA GLN A 72 22.13 15.19 -1.50
C GLN A 72 22.74 16.46 -2.08
N LYS A 73 22.01 17.57 -2.03
CA LYS A 73 22.58 18.84 -2.47
C LYS A 73 23.77 19.24 -1.60
N SER A 74 23.67 19.04 -0.28
CA SER A 74 24.74 19.42 0.63
C SER A 74 26.01 18.61 0.41
N ASN A 75 25.91 17.41 -0.16
CA ASN A 75 27.07 16.57 -0.40
C ASN A 75 27.49 16.57 -1.88
N GLY A 83 27.02 21.13 8.60
CA GLY A 83 26.93 20.39 9.84
C GLY A 83 26.11 19.11 9.72
N PRO A 84 25.97 18.38 10.82
CA PRO A 84 25.25 17.10 10.78
C PRO A 84 23.73 17.20 10.76
N GLU A 85 23.14 18.40 10.79
CA GLU A 85 21.73 18.55 11.10
C GLU A 85 20.83 17.96 10.01
N VAL A 86 21.15 18.16 8.73
CA VAL A 86 20.27 17.64 7.68
C VAL A 86 20.23 16.13 7.73
N ARG A 87 21.42 15.50 7.82
CA ARG A 87 21.45 14.05 7.94
C ARG A 87 20.76 13.58 9.19
N GLU A 88 20.98 14.25 10.33
CA GLU A 88 20.34 13.81 11.56
C GLU A 88 18.82 13.85 11.44
N TYR A 89 18.31 14.92 10.86
CA TYR A 89 16.85 15.06 10.78
C TYR A 89 16.27 14.11 9.74
N ARG A 90 16.94 13.92 8.60
CA ARG A 90 16.51 12.90 7.65
C ARG A 90 16.49 11.53 8.32
N GLU A 91 17.49 11.22 9.14
CA GLU A 91 17.52 9.94 9.83
C GLU A 91 16.37 9.82 10.81
N LYS A 92 16.03 10.91 11.51
CA LYS A 92 14.91 10.86 12.45
C LYS A 92 13.62 10.52 11.71
N VAL A 93 13.35 11.23 10.62
CA VAL A 93 12.14 10.96 9.84
C VAL A 93 12.17 9.54 9.29
N GLU A 94 13.32 9.09 8.81
CA GLU A 94 13.43 7.75 8.26
C GLU A 94 13.14 6.70 9.32
N THR A 95 13.63 6.90 10.54
CA THR A 95 13.36 5.93 11.61
C THR A 95 11.89 5.90 11.96
N GLU A 96 11.23 7.06 11.96
N GLU A 96 11.24 7.06 11.98
CA GLU A 96 9.80 7.10 12.27
CA GLU A 96 9.81 7.10 12.27
C GLU A 96 8.98 6.43 11.18
C GLU A 96 9.03 6.38 11.18
N LEU A 97 9.38 6.64 9.92
CA LEU A 97 8.76 5.95 8.80
C LEU A 97 8.94 4.43 8.91
N GLN A 98 10.15 3.97 9.18
CA GLN A 98 10.39 2.55 9.35
C GLN A 98 9.54 1.99 10.48
N GLY A 99 9.37 2.76 11.55
CA GLY A 99 8.57 2.28 12.66
C GLY A 99 7.11 2.08 12.28
N VAL A 100 6.55 2.99 11.48
CA VAL A 100 5.18 2.83 11.03
C VAL A 100 5.06 1.62 10.11
N CYS A 101 6.01 1.45 9.17
CA CYS A 101 5.97 0.28 8.30
C CYS A 101 6.06 -1.00 9.10
N ASP A 102 6.96 -1.05 10.09
CA ASP A 102 7.07 -2.24 10.93
C ASP A 102 5.79 -2.49 11.73
N THR A 103 5.10 -1.43 12.15
CA THR A 103 3.83 -1.62 12.87
C THR A 103 2.79 -2.25 11.96
N VAL A 104 2.65 -1.74 10.73
CA VAL A 104 1.69 -2.31 9.79
C VAL A 104 2.04 -3.76 9.48
N LEU A 105 3.31 -4.01 9.18
CA LEU A 105 3.74 -5.37 8.88
C LEU A 105 3.46 -6.28 10.08
N GLY A 106 3.63 -5.75 11.29
CA GLY A 106 3.35 -6.57 12.47
C GLY A 106 1.89 -6.91 12.61
N LEU A 107 1.00 -5.98 12.27
CA LEU A 107 -0.42 -6.30 12.31
C LEU A 107 -0.75 -7.36 11.29
N LEU A 108 -0.15 -7.25 10.10
CA LEU A 108 -0.42 -8.25 9.07
C LEU A 108 0.07 -9.63 9.51
N ASP A 109 1.20 -9.69 10.20
CA ASP A 109 1.77 -10.95 10.64
C ASP A 109 1.13 -11.46 11.93
N SER A 110 0.43 -10.60 12.68
CA SER A 110 -0.13 -10.97 13.99
C SER A 110 -1.51 -10.33 14.15
N HIS A 111 -2.55 -10.89 13.52
CA HIS A 111 -2.55 -12.18 12.79
C HIS A 111 -3.44 -12.10 11.56
N LEU A 112 -3.44 -10.94 10.88
CA LEU A 112 -4.43 -10.72 9.84
C LEU A 112 -4.27 -11.69 8.66
N ILE A 113 -3.05 -11.89 8.16
CA ILE A 113 -2.87 -12.73 6.97
C ILE A 113 -3.23 -14.17 7.28
N LYS A 114 -2.78 -14.69 8.42
CA LYS A 114 -2.98 -16.11 8.66
C LYS A 114 -4.45 -16.47 8.82
N GLU A 115 -5.29 -15.52 9.22
CA GLU A 115 -6.70 -15.80 9.34
C GLU A 115 -7.50 -15.44 8.08
N ALA A 116 -6.85 -14.89 7.06
CA ALA A 116 -7.55 -14.42 5.86
C ALA A 116 -7.65 -15.56 4.86
N GLY A 117 -8.84 -16.10 4.70
CA GLY A 117 -9.05 -17.25 3.83
C GLY A 117 -9.80 -16.94 2.56
N ASP A 118 -10.56 -15.85 2.52
CA ASP A 118 -11.23 -15.50 1.28
C ASP A 118 -10.26 -14.73 0.40
N ALA A 119 -10.43 -14.88 -0.91
CA ALA A 119 -9.48 -14.22 -1.81
C ALA A 119 -9.46 -12.70 -1.62
N GLU A 120 -10.61 -12.08 -1.37
CA GLU A 120 -10.63 -10.63 -1.27
C GLU A 120 -9.81 -10.15 -0.07
N SER A 121 -9.91 -10.84 1.06
CA SER A 121 -9.13 -10.40 2.20
C SER A 121 -7.67 -10.77 2.05
N ARG A 122 -7.38 -11.98 1.59
CA ARG A 122 -5.99 -12.42 1.52
C ARG A 122 -5.20 -11.60 0.51
N VAL A 123 -5.77 -11.34 -0.66
CA VAL A 123 -5.11 -10.48 -1.64
C VAL A 123 -4.91 -9.08 -1.09
N PHE A 124 -5.93 -8.52 -0.43
CA PHE A 124 -5.80 -7.19 0.14
C PHE A 124 -4.61 -7.10 1.10
N TYR A 125 -4.51 -8.07 2.02
CA TYR A 125 -3.45 -7.99 3.02
C TYR A 125 -2.08 -8.27 2.41
N LEU A 126 -1.98 -9.18 1.44
CA LEU A 126 -0.70 -9.43 0.83
C LEU A 126 -0.25 -8.24 -0.01
N LYS A 127 -1.18 -7.57 -0.68
CA LYS A 127 -0.83 -6.31 -1.36
C LYS A 127 -0.30 -5.29 -0.35
N MET A 128 -0.97 -5.16 0.81
CA MET A 128 -0.46 -4.26 1.84
C MET A 128 0.94 -4.65 2.27
N LYS A 129 1.18 -5.94 2.46
CA LYS A 129 2.50 -6.38 2.87
C LYS A 129 3.54 -5.98 1.82
N GLY A 130 3.22 -6.19 0.53
CA GLY A 130 4.14 -5.73 -0.52
C GLY A 130 4.35 -4.23 -0.49
N ASP A 131 3.29 -3.46 -0.28
CA ASP A 131 3.40 -2.01 -0.26
C ASP A 131 4.31 -1.53 0.87
N TYR A 132 4.14 -2.10 2.08
CA TYR A 132 4.91 -1.57 3.22
C TYR A 132 6.36 -2.04 3.16
N TYR A 133 6.64 -3.23 2.61
CA TYR A 133 8.04 -3.56 2.30
C TYR A 133 8.58 -2.65 1.22
N ARG A 134 7.75 -2.27 0.24
CA ARG A 134 8.23 -1.35 -0.78
C ARG A 134 8.62 0.00 -0.16
N TYR A 135 7.83 0.51 0.79
CA TYR A 135 8.18 1.78 1.43
C TYR A 135 9.46 1.63 2.24
N LEU A 136 9.66 0.49 2.92
CA LEU A 136 10.96 0.22 3.55
C LEU A 136 12.08 0.21 2.50
N ALA A 137 11.83 -0.38 1.32
CA ALA A 137 12.89 -0.47 0.30
C ALA A 137 13.28 0.90 -0.20
N GLU A 138 12.34 1.84 -0.25
CA GLU A 138 12.62 3.18 -0.76
C GLU A 138 13.71 3.88 0.05
N VAL A 139 13.84 3.57 1.34
CA VAL A 139 14.83 4.22 2.22
C VAL A 139 15.97 3.30 2.58
N ALA A 140 15.96 2.06 2.11
CA ALA A 140 16.97 1.10 2.50
C ALA A 140 18.25 1.32 1.72
N THR A 141 19.38 1.18 2.43
CA THR A 141 20.71 1.37 1.87
C THR A 141 21.73 0.39 2.45
N GLY A 142 21.35 -0.43 3.42
CA GLY A 142 22.28 -1.29 4.12
C GLY A 142 22.37 -2.68 3.53
N ASP A 143 22.78 -3.63 4.38
CA ASP A 143 23.00 -5.00 3.94
C ASP A 143 21.71 -5.80 3.82
N ASP A 144 20.58 -5.23 4.22
CA ASP A 144 19.29 -5.92 4.09
C ASP A 144 18.44 -5.33 2.97
N LYS A 145 18.97 -4.40 2.18
CA LYS A 145 18.16 -3.79 1.13
C LYS A 145 17.67 -4.83 0.13
N LYS A 146 18.56 -5.76 -0.24
CA LYS A 146 18.16 -6.85 -1.11
C LYS A 146 17.08 -7.71 -0.46
N ARG A 147 17.21 -7.98 0.83
CA ARG A 147 16.23 -8.85 1.45
C ARG A 147 14.88 -8.14 1.57
N ILE A 148 14.90 -6.82 1.81
CA ILE A 148 13.65 -6.06 1.89
C ILE A 148 12.94 -6.08 0.55
N ILE A 149 13.69 -5.86 -0.54
CA ILE A 149 13.12 -5.91 -1.87
C ILE A 149 12.53 -7.29 -2.15
N ASP A 150 13.25 -8.35 -1.77
CA ASP A 150 12.70 -9.68 -2.02
C ASP A 150 11.43 -9.94 -1.22
N SER A 151 11.35 -9.39 -0.01
CA SER A 151 10.13 -9.55 0.78
C SER A 151 8.95 -8.85 0.10
N ALA A 152 9.18 -7.64 -0.44
CA ALA A 152 8.08 -6.98 -1.18
C ALA A 152 7.67 -7.84 -2.38
N ARG A 153 8.66 -8.27 -3.16
N ARG A 153 8.66 -8.29 -3.15
CA ARG A 153 8.37 -9.06 -4.35
CA ARG A 153 8.37 -9.05 -4.35
C ARG A 153 7.57 -10.31 -4.02
C ARG A 153 7.58 -10.32 -4.02
N SER A 154 7.98 -11.03 -2.96
CA SER A 154 7.33 -12.27 -2.62
C SER A 154 5.89 -12.06 -2.21
N ALA A 155 5.62 -10.99 -1.43
CA ALA A 155 4.24 -10.70 -1.02
C ALA A 155 3.37 -10.36 -2.23
N TYR A 156 3.88 -9.46 -3.10
CA TYR A 156 3.14 -9.11 -4.30
C TYR A 156 2.89 -10.32 -5.19
N GLN A 157 3.88 -11.21 -5.30
CA GLN A 157 3.75 -12.34 -6.20
C GLN A 157 2.70 -13.31 -5.67
N GLU A 158 2.68 -13.55 -4.37
CA GLU A 158 1.63 -14.42 -3.84
C GLU A 158 0.26 -13.82 -4.05
N ALA A 159 0.13 -12.50 -3.83
CA ALA A 159 -1.14 -11.83 -4.08
C ALA A 159 -1.54 -11.93 -5.54
N MET A 160 -0.57 -11.79 -6.46
CA MET A 160 -0.88 -11.88 -7.88
C MET A 160 -1.38 -13.26 -8.22
N ASP A 161 -0.69 -14.27 -7.70
CA ASP A 161 -1.08 -15.65 -8.02
C ASP A 161 -2.53 -15.93 -7.58
N ILE A 162 -2.88 -15.49 -6.37
CA ILE A 162 -4.25 -15.68 -5.89
C ILE A 162 -5.23 -14.89 -6.76
N SER A 163 -4.90 -13.63 -7.05
CA SER A 163 -5.83 -12.77 -7.77
C SER A 163 -6.12 -13.32 -9.16
N LYS A 164 -5.12 -13.92 -9.81
CA LYS A 164 -5.35 -14.41 -11.17
C LYS A 164 -6.21 -15.66 -11.16
N LYS A 165 -6.17 -16.46 -10.10
CA LYS A 165 -6.98 -17.67 -9.98
C LYS A 165 -8.39 -17.37 -9.50
N GLU A 166 -8.57 -16.36 -8.63
CA GLU A 166 -9.82 -16.19 -7.88
C GLU A 166 -10.64 -14.96 -8.24
N MET A 167 -10.09 -14.00 -8.96
CA MET A 167 -10.79 -12.76 -9.22
C MET A 167 -10.86 -12.48 -10.71
N PRO A 168 -11.91 -11.80 -11.16
CA PRO A 168 -11.97 -11.37 -12.57
C PRO A 168 -10.95 -10.28 -12.83
N PRO A 169 -10.55 -10.10 -14.08
CA PRO A 169 -9.51 -9.11 -14.38
C PRO A 169 -9.90 -7.69 -14.14
N THR A 170 -11.19 -7.39 -13.92
CA THR A 170 -11.61 -6.03 -13.59
C THR A 170 -11.73 -5.79 -12.10
N ASN A 171 -11.50 -6.79 -11.26
CA ASN A 171 -11.73 -6.58 -9.84
C ASN A 171 -10.82 -5.45 -9.34
N PRO A 172 -11.34 -4.44 -8.64
CA PRO A 172 -10.50 -3.30 -8.27
C PRO A 172 -9.29 -3.65 -7.41
N ILE A 173 -9.42 -4.65 -6.52
CA ILE A 173 -8.25 -5.06 -5.73
C ILE A 173 -7.19 -5.66 -6.63
N ARG A 174 -7.60 -6.54 -7.53
CA ARG A 174 -6.67 -7.12 -8.51
C ARG A 174 -5.99 -6.04 -9.33
N LEU A 175 -6.75 -5.04 -9.77
CA LEU A 175 -6.19 -3.97 -10.58
C LEU A 175 -5.21 -3.13 -9.78
N GLY A 176 -5.57 -2.78 -8.54
CA GLY A 176 -4.66 -1.96 -7.74
C GLY A 176 -3.39 -2.70 -7.36
N LEU A 177 -3.52 -4.00 -7.10
CA LEU A 177 -2.34 -4.84 -6.87
C LEU A 177 -1.41 -4.81 -8.06
N ALA A 178 -1.95 -5.02 -9.27
CA ALA A 178 -1.11 -5.02 -10.46
C ALA A 178 -0.48 -3.65 -10.68
N LEU A 179 -1.24 -2.58 -10.44
CA LEU A 179 -0.67 -1.24 -10.57
C LEU A 179 0.51 -1.08 -9.63
N ASN A 180 0.34 -1.44 -8.36
CA ASN A 180 1.42 -1.21 -7.39
C ASN A 180 2.60 -2.15 -7.62
N PHE A 181 2.35 -3.38 -8.07
CA PHE A 181 3.45 -4.28 -8.40
C PHE A 181 4.23 -3.75 -9.59
N SER A 182 3.51 -3.16 -10.56
N SER A 182 3.52 -3.14 -10.56
CA SER A 182 4.18 -2.55 -11.70
CA SER A 182 4.25 -2.55 -11.70
C SER A 182 5.06 -1.38 -11.26
C SER A 182 5.11 -1.40 -11.23
N VAL A 183 4.59 -0.57 -10.30
CA VAL A 183 5.43 0.49 -9.72
C VAL A 183 6.63 -0.08 -9.01
N PHE A 184 6.45 -1.14 -8.22
CA PHE A 184 7.58 -1.84 -7.63
C PHE A 184 8.62 -2.20 -8.70
N HIS A 185 8.18 -2.80 -9.82
CA HIS A 185 9.15 -3.21 -10.83
C HIS A 185 9.89 -1.99 -11.38
N TYR A 186 9.18 -0.90 -11.65
CA TYR A 186 9.79 0.27 -12.28
C TYR A 186 10.72 0.99 -11.31
N GLU A 187 10.24 1.21 -10.07
CA GLU A 187 10.92 2.15 -9.16
C GLU A 187 11.88 1.46 -8.21
N ILE A 188 11.65 0.21 -7.85
CA ILE A 188 12.42 -0.47 -6.83
C ILE A 188 13.34 -1.51 -7.45
N ALA A 189 12.80 -2.35 -8.34
CA ALA A 189 13.50 -3.52 -8.84
C ALA A 189 14.29 -3.25 -10.10
N ASN A 190 14.31 -2.02 -10.57
CA ASN A 190 15.07 -1.67 -11.78
C ASN A 190 14.66 -2.55 -12.97
N SER A 191 13.35 -2.79 -13.10
CA SER A 191 12.80 -3.67 -14.14
C SER A 191 11.73 -2.91 -14.88
N PRO A 192 12.07 -1.83 -15.59
CA PRO A 192 11.03 -1.06 -16.29
C PRO A 192 10.31 -1.88 -17.35
N GLU A 193 10.97 -2.80 -18.04
CA GLU A 193 10.24 -3.57 -19.04
C GLU A 193 9.20 -4.47 -18.41
N GLU A 194 9.50 -5.08 -17.25
CA GLU A 194 8.51 -5.87 -16.54
C GLU A 194 7.34 -4.99 -16.09
N ALA A 195 7.64 -3.79 -15.62
CA ALA A 195 6.60 -2.85 -15.20
C ALA A 195 5.66 -2.53 -16.35
N ILE A 196 6.22 -2.22 -17.52
CA ILE A 196 5.41 -1.86 -18.68
C ILE A 196 4.60 -3.06 -19.15
N SER A 197 5.22 -4.24 -19.22
N SER A 197 5.22 -4.24 -19.23
CA SER A 197 4.48 -5.42 -19.66
CA SER A 197 4.48 -5.42 -19.66
C SER A 197 3.32 -5.72 -18.71
C SER A 197 3.32 -5.72 -18.71
N LEU A 198 3.56 -5.64 -17.40
CA LEU A 198 2.49 -5.93 -16.46
C LEU A 198 1.37 -4.91 -16.57
N ALA A 199 1.71 -3.64 -16.69
CA ALA A 199 0.65 -2.63 -16.79
C ALA A 199 -0.17 -2.82 -18.07
N LYS A 200 0.50 -3.11 -19.18
CA LYS A 200 -0.21 -3.28 -20.47
C LYS A 200 -1.11 -4.50 -20.44
N THR A 201 -0.59 -5.64 -20.01
CA THR A 201 -1.40 -6.85 -19.96
C THR A 201 -2.58 -6.68 -19.00
N THR A 202 -2.34 -6.05 -17.85
CA THR A 202 -3.43 -5.82 -16.90
C THR A 202 -4.51 -4.95 -17.52
N PHE A 203 -4.10 -3.87 -18.19
CA PHE A 203 -5.08 -2.97 -18.80
C PHE A 203 -5.87 -3.70 -19.86
N ASP A 204 -5.21 -4.46 -20.72
CA ASP A 204 -5.88 -5.08 -21.86
C ASP A 204 -6.84 -6.16 -21.39
N GLU A 205 -6.46 -6.92 -20.37
CA GLU A 205 -7.35 -7.96 -19.89
C GLU A 205 -8.55 -7.37 -19.15
N ALA A 206 -8.37 -6.23 -18.48
CA ALA A 206 -9.51 -5.57 -17.86
C ALA A 206 -10.45 -5.01 -18.92
N MET A 207 -9.90 -4.37 -19.94
CA MET A 207 -10.74 -3.83 -21.01
C MET A 207 -11.69 -4.87 -21.56
N ALA A 208 -11.19 -6.06 -21.81
CA ALA A 208 -11.97 -7.13 -22.40
C ALA A 208 -13.02 -7.70 -21.47
N ASP A 209 -12.98 -7.37 -20.18
CA ASP A 209 -13.95 -7.87 -19.21
C ASP A 209 -14.94 -6.79 -18.78
N LEU A 210 -14.77 -5.53 -19.23
CA LEU A 210 -15.68 -4.45 -18.84
C LEU A 210 -17.13 -4.73 -19.21
N HIS A 211 -17.36 -5.46 -20.29
CA HIS A 211 -18.74 -5.69 -20.77
C HIS A 211 -19.59 -6.42 -19.75
N THR A 212 -18.96 -7.11 -18.79
CA THR A 212 -19.68 -7.90 -17.78
C THR A 212 -20.20 -7.07 -16.62
N LEU A 213 -19.83 -5.81 -16.52
CA LEU A 213 -19.99 -5.02 -15.32
C LEU A 213 -21.21 -4.11 -15.37
N SER A 214 -21.74 -3.82 -14.18
CA SER A 214 -22.72 -2.77 -14.00
C SER A 214 -22.08 -1.39 -14.19
N GLU A 215 -22.94 -0.37 -14.28
CA GLU A 215 -22.46 1.00 -14.40
C GLU A 215 -21.53 1.37 -13.26
N ASP A 216 -21.89 1.01 -12.03
CA ASP A 216 -21.07 1.42 -10.89
C ASP A 216 -19.75 0.65 -10.84
N SER A 217 -19.78 -0.65 -11.14
CA SER A 217 -18.53 -1.42 -11.19
C SER A 217 -17.65 -0.94 -12.33
N TYR A 218 -18.25 -0.60 -13.48
CA TYR A 218 -17.50 -0.05 -14.61
C TYR A 218 -16.75 1.20 -14.21
N LYS A 219 -17.40 2.08 -13.45
CA LYS A 219 -16.73 3.29 -12.99
C LYS A 219 -15.55 2.95 -12.08
N ASP A 220 -15.74 1.98 -11.16
CA ASP A 220 -14.65 1.62 -10.25
C ASP A 220 -13.47 1.08 -11.02
N SER A 221 -13.72 0.17 -11.96
CA SER A 221 -12.61 -0.46 -12.68
C SER A 221 -11.92 0.50 -13.64
N THR A 222 -12.68 1.30 -14.37
CA THR A 222 -12.05 2.20 -15.33
C THR A 222 -11.23 3.27 -14.65
N LEU A 223 -11.59 3.66 -13.42
CA LEU A 223 -10.75 4.62 -12.70
C LEU A 223 -9.34 4.09 -12.51
N ILE A 224 -9.21 2.83 -12.11
CA ILE A 224 -7.88 2.27 -11.89
C ILE A 224 -7.19 1.99 -13.20
N MET A 225 -7.95 1.61 -14.24
CA MET A 225 -7.34 1.39 -15.54
C MET A 225 -6.71 2.68 -16.03
N GLN A 226 -7.32 3.85 -15.72
CA GLN A 226 -6.72 5.10 -16.16
C GLN A 226 -5.39 5.35 -15.46
N LEU A 227 -5.26 4.93 -14.20
CA LEU A 227 -3.97 5.03 -13.53
C LEU A 227 -2.92 4.16 -14.20
N LEU A 228 -3.29 2.94 -14.62
CA LEU A 228 -2.35 2.12 -15.37
C LEU A 228 -1.93 2.83 -16.65
N ARG A 229 -2.91 3.43 -17.36
CA ARG A 229 -2.59 4.14 -18.59
C ARG A 229 -1.71 5.36 -18.31
N ASP A 230 -1.96 6.06 -17.21
CA ASP A 230 -1.14 7.23 -16.88
C ASP A 230 0.32 6.83 -16.67
N ASN A 231 0.54 5.68 -16.00
CA ASN A 231 1.91 5.22 -15.83
C ASN A 231 2.50 4.80 -17.16
N LEU A 232 1.74 4.09 -17.98
CA LEU A 232 2.28 3.69 -19.27
C LEU A 232 2.68 4.90 -20.10
N THR A 233 1.89 5.97 -20.04
CA THR A 233 2.24 7.19 -20.76
C THR A 233 3.53 7.82 -20.24
N LEU A 234 3.73 7.78 -18.93
CA LEU A 234 4.96 8.35 -18.39
C LEU A 234 6.17 7.46 -18.70
N TRP A 235 5.99 6.15 -18.83
CA TRP A 235 7.09 5.22 -18.96
C TRP A 235 7.47 4.93 -20.42
N THR A 236 6.63 5.34 -21.37
CA THR A 236 6.88 5.06 -22.78
C THR A 236 6.76 6.34 -23.61
N ALA B 5 5.88 5.72 -11.08
CA ALA B 5 5.03 6.91 -11.01
C ALA B 5 3.96 6.79 -9.94
N GLY B 6 2.71 6.66 -10.37
CA GLY B 6 1.62 6.64 -9.43
C GLY B 6 1.25 5.25 -8.99
N SEP B 7 1.43 4.96 -7.71
CA SEP B 7 0.74 3.82 -7.10
CB SEP B 7 1.44 3.45 -5.79
OG SEP B 7 1.32 4.59 -4.93
C SEP B 7 -0.70 4.25 -6.82
O SEP B 7 -1.05 5.42 -7.02
P SEP B 7 2.24 4.49 -3.62
O1P SEP B 7 1.83 5.81 -2.84
O2P SEP B 7 3.73 4.54 -4.04
O3P SEP B 7 1.86 3.22 -2.85
N ILE B 8 -1.53 3.34 -6.33
CA ILE B 8 -2.89 3.66 -5.95
C ILE B 8 -2.82 4.76 -4.88
N PRO B 9 -3.49 5.90 -5.06
CA PRO B 9 -3.36 6.94 -4.02
C PRO B 9 -3.83 6.49 -2.64
N GLY B 10 -4.99 5.85 -2.54
CA GLY B 10 -5.24 5.10 -1.32
C GLY B 10 -5.54 5.93 -0.09
N ARG B 11 -5.79 7.23 -0.22
CA ARG B 11 -5.83 8.11 0.95
C ARG B 11 -7.24 8.60 1.31
N ARG B 12 -8.28 8.12 0.63
CA ARG B 12 -9.66 8.49 0.93
C ARG B 12 -10.52 7.23 0.91
N SER B 13 -11.27 7.00 1.99
CA SER B 13 -12.07 5.78 2.06
C SER B 13 -13.29 5.88 1.13
C03 V4N C . -8.78 0.78 -4.90
C04 V4N C . -8.24 1.27 -3.71
C05 V4N C . -7.08 0.70 -3.20
C06 V4N C . -6.47 -0.34 -3.90
C07 V4N C . -7.01 -0.83 -5.09
C08 V4N C . -8.17 -0.27 -5.57
C09 V4N C . -5.19 -0.97 -3.35
C11 V4N C . -8.29 3.32 -2.36
C12 V4N C . -8.05 4.68 -3.04
C13 V4N C . -8.03 5.87 -2.31
C14 V4N C . -7.78 7.07 -2.97
C16 V4N C . -7.61 7.06 -4.33
C17 V4N C . -7.65 5.88 -5.06
C18 V4N C . -7.87 4.69 -4.41
N02 V4N C . -9.99 1.39 -5.40
O01 V4N C . -10.17 2.77 -5.30
O10 V4N C . -8.95 2.31 -3.08
O19 V4N C . -7.96 3.13 -1.24
O20 V4N C . -10.82 0.72 -5.91
CL1 V4N C . -7.71 8.61 -2.08
CL CL D . -10.88 -16.46 8.21
CA CA E . -16.43 -5.67 23.50
C1 GOL F . -6.88 -18.45 -2.18
O1 GOL F . -5.66 -17.98 -1.67
C2 GOL F . -7.89 -18.19 -1.07
O2 GOL F . -7.69 -16.96 -0.46
C3 GOL F . -9.29 -18.36 -1.69
O3 GOL F . -9.27 -19.54 -2.46
#